data_3LWK
#
_entry.id   3LWK
#
_cell.length_a   94.790
_cell.length_b   94.790
_cell.length_c   90.210
_cell.angle_alpha   90.00
_cell.angle_beta   90.00
_cell.angle_gamma   90.00
#
_symmetry.space_group_name_H-M   'I 4 2 2'
#
loop_
_entity.id
_entity.type
_entity.pdbx_description
1 polymer 'Beta-crystallin A4'
2 non-polymer 'PHOSPHATE ION'
3 non-polymer GLYCEROL
4 water water
#
_entity_poly.entity_id   1
_entity_poly.type   'polypeptide(L)'
_entity_poly.pdbx_seq_one_letter_code
;SMSAGPWKMVVWDEDGFQGRRHEFTAECPSVLELGFETVRSLKVLSGAWVGFEHAGFQGQQYILERGEYPSWDAWGGNTA
YPAERLTSFRPAACANHRDSRLTIFEQENFLGKKGELSDDYPSLQAMGWEGNEVGSFHVHSGAWVCSQFPGYRGFQYVLE
CDHHSGDYKHFREWGSHAPTFQVQSIRRIQQ
;
_entity_poly.pdbx_strand_id   A
#
# COMPACT_ATOMS: atom_id res chain seq x y z
N SER A 1 12.09 -20.82 -7.96
CA SER A 1 11.76 -20.18 -9.26
C SER A 1 10.60 -20.92 -9.93
N MET A 2 9.52 -21.06 -9.17
CA MET A 2 8.28 -21.55 -9.71
C MET A 2 7.67 -20.46 -10.61
N SER A 3 6.78 -20.86 -11.52
CA SER A 3 6.21 -19.93 -12.49
C SER A 3 4.85 -19.52 -12.05
N ALA A 4 4.66 -18.22 -11.78
CA ALA A 4 3.41 -17.68 -11.34
C ALA A 4 2.51 -17.24 -12.47
N GLY A 5 1.22 -17.24 -12.16
CA GLY A 5 0.21 -16.69 -13.05
C GLY A 5 -0.10 -15.22 -12.85
N PRO A 6 -1.13 -14.72 -13.52
CA PRO A 6 -1.49 -13.31 -13.46
C PRO A 6 -1.95 -12.91 -12.07
N TRP A 7 -1.84 -11.62 -11.76
CA TRP A 7 -2.18 -11.13 -10.45
C TRP A 7 -3.66 -11.38 -10.20
N LYS A 8 -3.94 -11.79 -8.96
CA LYS A 8 -5.26 -12.28 -8.58
C LYS A 8 -5.44 -12.22 -7.08
N MET A 9 -6.63 -11.79 -6.65
CA MET A 9 -6.97 -11.87 -5.24
C MET A 9 -8.43 -12.31 -5.15
N VAL A 10 -8.78 -12.84 -4.01
CA VAL A 10 -10.11 -13.38 -3.76
C VAL A 10 -10.62 -12.82 -2.46
N VAL A 11 -11.88 -12.37 -2.46
CA VAL A 11 -12.53 -11.84 -1.26
C VAL A 11 -13.70 -12.69 -0.85
N TRP A 12 -13.98 -12.72 0.45
CA TRP A 12 -15.16 -13.41 0.98
C TRP A 12 -15.88 -12.46 1.91
N ASP A 13 -17.18 -12.66 2.08
CA ASP A 13 -17.94 -11.77 2.96
C ASP A 13 -18.08 -12.26 4.40
N GLU A 14 -17.42 -13.36 4.78
CA GLU A 14 -17.36 -13.80 6.18
C GLU A 14 -15.90 -14.11 6.52
N ASP A 15 -15.61 -14.11 7.81
CA ASP A 15 -14.26 -14.41 8.23
C ASP A 15 -13.89 -15.80 7.82
N GLY A 16 -12.58 -16.02 7.76
CA GLY A 16 -12.03 -17.32 7.49
C GLY A 16 -12.37 -17.94 6.16
N PHE A 17 -12.56 -17.12 5.12
CA PHE A 17 -12.70 -17.58 3.72
C PHE A 17 -14.01 -18.38 3.58
N GLN A 18 -15.04 -17.92 4.29
CA GLN A 18 -16.37 -18.51 4.23
C GLN A 18 -17.39 -17.54 3.63
N GLY A 19 -18.57 -18.05 3.27
CA GLY A 19 -19.60 -17.16 2.76
C GLY A 19 -19.43 -16.89 1.28
N ARG A 20 -19.92 -15.74 0.83
CA ARG A 20 -19.89 -15.38 -0.57
C ARG A 20 -18.44 -15.09 -0.96
N ARG A 21 -18.06 -15.51 -2.17
CA ARG A 21 -16.71 -15.41 -2.70
C ARG A 21 -16.70 -14.68 -4.05
N HIS A 22 -15.64 -13.92 -4.29
CA HIS A 22 -15.44 -13.30 -5.58
C HIS A 22 -13.94 -13.11 -5.83
N GLU A 23 -13.53 -13.47 -7.03
CA GLU A 23 -12.13 -13.32 -7.45
CA GLU A 23 -12.14 -13.33 -7.45
C GLU A 23 -11.95 -12.15 -8.42
N PHE A 24 -10.88 -11.40 -8.19
CA PHE A 24 -10.48 -10.25 -9.02
C PHE A 24 -9.18 -10.52 -9.77
N THR A 25 -9.17 -10.13 -11.05
CA THR A 25 -7.94 -10.05 -11.83
C THR A 25 -7.67 -8.64 -12.30
N ALA A 26 -8.54 -7.70 -11.89
CA ALA A 26 -8.38 -6.29 -12.17
C ALA A 26 -9.03 -5.50 -11.06
N GLU A 27 -8.90 -4.17 -11.06
CA GLU A 27 -9.43 -3.36 -9.97
C GLU A 27 -10.95 -3.50 -9.83
N CYS A 28 -11.40 -3.27 -8.61
CA CYS A 28 -12.81 -3.26 -8.27
C CYS A 28 -13.10 -1.96 -7.50
N PRO A 29 -13.91 -1.05 -8.07
CA PRO A 29 -14.13 0.26 -7.46
C PRO A 29 -15.12 0.20 -6.28
N SER A 30 -15.83 -0.90 -6.14
CA SER A 30 -16.72 -1.13 -5.02
C SER A 30 -17.22 -2.55 -5.01
N VAL A 31 -16.97 -3.30 -3.94
CA VAL A 31 -17.51 -4.63 -3.84
C VAL A 31 -19.04 -4.61 -3.71
N LEU A 32 -19.62 -3.47 -3.28
CA LEU A 32 -21.04 -3.39 -3.18
C LEU A 32 -21.66 -3.53 -4.58
N GLU A 33 -20.93 -3.11 -5.64
CA GLU A 33 -21.43 -3.25 -6.99
C GLU A 33 -21.59 -4.70 -7.46
N LEU A 34 -21.00 -5.63 -6.71
CA LEU A 34 -21.14 -7.08 -6.93
C LEU A 34 -22.36 -7.67 -6.21
N GLY A 35 -22.98 -6.86 -5.35
CA GLY A 35 -24.04 -7.29 -4.46
C GLY A 35 -23.53 -7.69 -3.08
N PHE A 36 -22.23 -7.66 -2.87
CA PHE A 36 -21.66 -7.93 -1.54
C PHE A 36 -22.00 -6.81 -0.59
N GLU A 37 -22.16 -7.15 0.68
CA GLU A 37 -22.39 -6.15 1.69
C GLU A 37 -21.10 -5.76 2.37
N THR A 38 -20.14 -6.68 2.43
CA THR A 38 -18.92 -6.46 3.14
C THR A 38 -17.82 -7.43 2.66
N VAL A 39 -16.56 -7.11 2.93
CA VAL A 39 -15.40 -8.03 2.76
C VAL A 39 -14.85 -8.28 4.14
N ARG A 40 -14.85 -9.54 4.56
CA ARG A 40 -14.39 -9.92 5.88
C ARG A 40 -13.10 -10.73 5.89
N SER A 41 -12.74 -11.32 4.76
CA SER A 41 -11.48 -12.07 4.64
C SER A 41 -11.08 -12.06 3.21
N LEU A 42 -9.80 -12.33 2.95
CA LEU A 42 -9.32 -12.29 1.58
C LEU A 42 -8.01 -13.07 1.45
N LYS A 43 -7.69 -13.45 0.23
CA LYS A 43 -6.40 -14.04 -0.11
C LYS A 43 -5.84 -13.34 -1.34
N VAL A 44 -4.55 -13.03 -1.27
CA VAL A 44 -3.82 -12.50 -2.42
C VAL A 44 -3.04 -13.68 -2.96
N LEU A 45 -3.41 -14.12 -4.16
CA LEU A 45 -2.82 -15.31 -4.78
C LEU A 45 -1.57 -15.02 -5.62
N SER A 46 -1.54 -13.85 -6.22
CA SER A 46 -0.48 -13.46 -7.12
C SER A 46 -0.51 -11.94 -7.15
N GLY A 47 0.66 -11.33 -7.02
CA GLY A 47 0.84 -9.91 -7.16
C GLY A 47 0.67 -9.15 -5.88
N ALA A 48 0.56 -7.85 -5.99
CA ALA A 48 0.35 -6.97 -4.83
C ALA A 48 -0.79 -6.04 -5.16
N TRP A 49 -1.66 -5.86 -4.19
CA TRP A 49 -2.91 -5.13 -4.31
C TRP A 49 -3.03 -4.09 -3.20
N VAL A 50 -3.81 -3.03 -3.44
CA VAL A 50 -4.10 -2.02 -2.46
C VAL A 50 -5.57 -2.09 -2.16
N GLY A 51 -5.89 -2.28 -0.89
CA GLY A 51 -7.27 -2.21 -0.44
C GLY A 51 -7.55 -0.80 0.08
N PHE A 52 -8.79 -0.36 -0.06
CA PHE A 52 -9.24 0.94 0.36
C PHE A 52 -10.49 0.82 1.20
N GLU A 53 -10.52 1.65 2.23
CA GLU A 53 -11.61 1.68 3.20
C GLU A 53 -12.99 1.92 2.55
N HIS A 54 -13.04 2.92 1.67
CA HIS A 54 -14.29 3.31 1.05
C HIS A 54 -14.33 2.91 -0.42
N ALA A 55 -15.53 2.86 -0.98
CA ALA A 55 -15.66 2.72 -2.45
C ALA A 55 -14.90 3.80 -3.17
N GLY A 56 -14.59 3.55 -4.42
CA GLY A 56 -13.91 4.54 -5.27
C GLY A 56 -12.47 4.79 -4.93
N PHE A 57 -11.81 3.83 -4.28
CA PHE A 57 -10.43 3.98 -3.92
C PHE A 57 -10.16 5.19 -3.01
N GLN A 58 -11.05 5.42 -2.06
CA GLN A 58 -10.90 6.51 -1.09
C GLN A 58 -10.75 6.00 0.32
N GLY A 59 -10.19 6.85 1.17
CA GLY A 59 -10.03 6.53 2.58
C GLY A 59 -8.69 5.86 2.87
N GLN A 60 -8.62 5.21 4.02
CA GLN A 60 -7.42 4.50 4.45
C GLN A 60 -7.01 3.45 3.45
N GLN A 61 -5.70 3.33 3.24
CA GLN A 61 -5.12 2.38 2.30
C GLN A 61 -4.48 1.26 3.09
N TYR A 62 -4.56 0.05 2.52
CA TYR A 62 -3.93 -1.15 3.10
C TYR A 62 -3.21 -1.91 1.99
N ILE A 63 -1.90 -2.13 2.19
CA ILE A 63 -1.12 -2.94 1.25
C ILE A 63 -1.34 -4.43 1.47
N LEU A 64 -1.64 -5.13 0.36
CA LEU A 64 -1.99 -6.55 0.36
C LEU A 64 -1.08 -7.33 -0.54
N GLU A 65 -0.04 -7.89 0.08
CA GLU A 65 0.90 -8.76 -0.61
C GLU A 65 0.46 -10.21 -0.45
N ARG A 66 1.13 -11.11 -1.16
CA ARG A 66 0.70 -12.50 -1.24
CA ARG A 66 0.71 -12.51 -1.23
CA ARG A 66 0.71 -12.51 -1.21
C ARG A 66 0.57 -13.17 0.13
N GLY A 67 -0.58 -13.81 0.36
CA GLY A 67 -0.83 -14.55 1.58
C GLY A 67 -2.30 -14.52 1.90
N GLU A 68 -2.58 -14.93 3.12
CA GLU A 68 -3.94 -15.16 3.56
CA GLU A 68 -3.94 -15.19 3.60
C GLU A 68 -4.31 -14.23 4.72
N TYR A 69 -5.53 -13.68 4.63
CA TYR A 69 -6.03 -12.67 5.56
C TYR A 69 -7.40 -13.08 6.11
N PRO A 70 -7.41 -13.84 7.23
CA PRO A 70 -8.68 -14.46 7.67
C PRO A 70 -9.71 -13.52 8.33
N SER A 71 -9.28 -12.32 8.72
CA SER A 71 -10.16 -11.31 9.26
C SER A 71 -9.45 -9.99 9.10
N TRP A 72 -10.13 -8.91 9.45
CA TRP A 72 -9.65 -7.55 9.17
C TRP A 72 -8.34 -7.18 9.84
N ASP A 73 -8.06 -7.80 11.00
CA ASP A 73 -6.78 -7.56 11.69
C ASP A 73 -5.56 -7.97 10.87
N ALA A 74 -5.77 -8.85 9.89
CA ALA A 74 -4.69 -9.25 9.04
C ALA A 74 -4.26 -8.17 8.06
N TRP A 75 -5.15 -7.23 7.72
CA TRP A 75 -4.74 -6.13 6.84
C TRP A 75 -4.64 -4.77 7.56
N GLY A 76 -5.21 -4.64 8.76
N GLY A 76 -5.41 -4.60 8.62
CA GLY A 76 -5.30 -3.33 9.45
CA GLY A 76 -5.73 -3.27 9.11
C GLY A 76 -5.19 -3.42 10.95
C GLY A 76 -5.06 -3.06 10.44
N GLY A 77 -4.68 -4.56 11.42
N GLY A 77 -4.34 -4.11 10.86
CA GLY A 77 -4.32 -4.77 12.82
CA GLY A 77 -3.70 -4.20 12.17
C GLY A 77 -5.42 -4.46 13.82
C GLY A 77 -2.61 -3.16 12.46
N ALA A 83 -10.28 -0.36 11.22
CA ALA A 83 -9.86 -0.94 9.92
C ALA A 83 -10.77 -2.07 9.40
N GLU A 84 -11.92 -2.27 10.05
CA GLU A 84 -12.84 -3.37 9.72
C GLU A 84 -13.39 -3.30 8.29
N ARG A 85 -13.39 -2.09 7.71
CA ARG A 85 -14.03 -1.86 6.41
C ARG A 85 -13.04 -1.83 5.26
N LEU A 86 -13.28 -2.71 4.27
CA LEU A 86 -12.53 -2.73 3.03
C LEU A 86 -13.54 -2.85 1.88
N THR A 87 -13.57 -1.85 1.01
CA THR A 87 -14.62 -1.74 0.04
C THR A 87 -14.17 -1.73 -1.41
N SER A 88 -12.94 -1.26 -1.69
CA SER A 88 -12.42 -1.25 -3.07
C SER A 88 -10.96 -1.69 -3.09
N PHE A 89 -10.51 -2.10 -4.27
CA PHE A 89 -9.22 -2.81 -4.44
C PHE A 89 -8.62 -2.54 -5.78
N ARG A 90 -7.29 -2.38 -5.83
CA ARG A 90 -6.66 -2.20 -7.14
C ARG A 90 -5.27 -2.79 -7.12
N PRO A 91 -4.79 -3.31 -8.25
CA PRO A 91 -3.40 -3.80 -8.28
C PRO A 91 -2.42 -2.66 -8.07
N ALA A 92 -1.35 -2.93 -7.33
CA ALA A 92 -0.22 -1.98 -7.19
C ALA A 92 0.64 -2.15 -8.44
N ALA A 93 0.19 -1.53 -9.51
CA ALA A 93 0.65 -1.86 -10.81
C ALA A 93 2.14 -1.67 -11.05
N CYS A 94 2.73 -0.69 -10.36
CA CYS A 94 4.16 -0.45 -10.51
C CYS A 94 5.05 -1.34 -9.65
N ALA A 95 4.48 -2.18 -8.79
CA ALA A 95 5.30 -3.01 -7.86
C ALA A 95 6.36 -3.81 -8.59
N ASN A 96 7.60 -3.69 -8.12
CA ASN A 96 8.74 -4.35 -8.72
C ASN A 96 9.87 -4.25 -7.70
N HIS A 97 9.88 -5.22 -6.80
CA HIS A 97 10.66 -5.17 -5.59
C HIS A 97 12.12 -4.92 -5.88
N ARG A 98 12.68 -5.63 -6.87
CA ARG A 98 14.10 -5.44 -7.23
C ARG A 98 14.43 -4.17 -8.02
N ASP A 99 13.40 -3.50 -8.52
CA ASP A 99 13.56 -2.31 -9.38
C ASP A 99 12.77 -1.18 -8.73
N SER A 100 13.02 -0.91 -7.45
CA SER A 100 12.32 0.16 -6.72
C SER A 100 13.30 1.23 -6.27
N ARG A 101 12.97 2.48 -6.56
CA ARG A 101 13.79 3.62 -6.18
C ARG A 101 12.91 4.82 -5.92
N LEU A 102 13.15 5.46 -4.79
CA LEU A 102 12.31 6.55 -4.28
C LEU A 102 13.24 7.63 -3.75
N THR A 103 12.88 8.87 -4.02
CA THR A 103 13.54 10.02 -3.43
C THR A 103 12.53 10.69 -2.52
N ILE A 104 12.96 10.96 -1.30
CA ILE A 104 12.14 11.69 -0.33
C ILE A 104 12.72 13.06 -0.04
N PHE A 105 11.81 13.99 0.25
CA PHE A 105 12.20 15.39 0.55
C PHE A 105 11.53 15.90 1.83
N GLU A 106 12.26 16.74 2.57
CA GLU A 106 11.80 17.24 3.87
C GLU A 106 10.61 18.20 3.71
N GLN A 107 10.62 18.96 2.63
CA GLN A 107 9.54 19.92 2.34
C GLN A 107 8.72 19.51 1.10
N GLU A 108 7.65 20.25 0.82
CA GLU A 108 6.86 20.04 -0.37
C GLU A 108 7.62 20.50 -1.62
N ASN A 109 7.17 20.08 -2.80
CA ASN A 109 7.73 20.52 -4.08
C ASN A 109 9.19 20.16 -4.32
N PHE A 110 9.62 19.04 -3.75
CA PHE A 110 11.00 18.52 -3.91
C PHE A 110 12.05 19.47 -3.34
N LEU A 111 11.67 20.20 -2.29
CA LEU A 111 12.60 21.12 -1.63
C LEU A 111 13.08 20.55 -0.31
N GLY A 112 14.21 21.09 0.16
CA GLY A 112 14.74 20.69 1.46
C GLY A 112 15.69 19.53 1.33
N LYS A 113 16.07 18.98 2.47
CA LYS A 113 17.00 17.86 2.41
C LYS A 113 16.35 16.69 1.70
N LYS A 114 17.16 15.93 0.98
CA LYS A 114 16.67 14.76 0.27
C LYS A 114 17.30 13.50 0.78
N GLY A 115 16.59 12.39 0.57
CA GLY A 115 17.10 11.07 0.86
C GLY A 115 16.78 10.16 -0.31
N GLU A 116 17.72 9.28 -0.64
CA GLU A 116 17.55 8.34 -1.74
C GLU A 116 17.40 6.95 -1.16
N LEU A 117 16.32 6.29 -1.54
CA LEU A 117 15.96 4.97 -1.03
C LEU A 117 15.83 3.96 -2.18
N SER A 118 16.50 2.81 -2.02
CA SER A 118 16.33 1.68 -2.90
C SER A 118 16.20 0.36 -2.12
N ASP A 119 16.03 0.48 -0.80
CA ASP A 119 15.94 -0.62 0.15
C ASP A 119 14.77 -0.29 1.11
N ASP A 120 14.50 -1.19 2.04
CA ASP A 120 13.46 -0.95 3.06
C ASP A 120 14.04 -0.33 4.32
N TYR A 121 13.26 0.57 4.93
CA TYR A 121 13.68 1.32 6.10
C TYR A 121 12.64 1.27 7.20
N PRO A 122 12.79 0.32 8.14
CA PRO A 122 11.85 0.32 9.26
C PRO A 122 12.03 1.49 10.20
N SER A 123 13.15 2.22 10.06
CA SER A 123 13.39 3.42 10.86
C SER A 123 14.14 4.40 9.99
N LEU A 124 13.42 5.43 9.54
CA LEU A 124 14.07 6.48 8.78
C LEU A 124 15.17 7.14 9.62
N GLN A 125 14.90 7.34 10.90
CA GLN A 125 15.81 8.03 11.81
C GLN A 125 17.05 7.20 12.04
N ALA A 126 16.92 5.88 12.02
CA ALA A 126 18.14 5.05 12.12
C ALA A 126 19.07 5.23 10.92
N MET A 127 18.48 5.55 9.76
N MET A 127 18.53 5.58 9.78
CA MET A 127 19.24 5.75 8.49
CA MET A 127 19.39 5.73 8.62
C MET A 127 19.86 7.14 8.34
C MET A 127 19.64 7.19 8.23
N GLY A 128 19.47 8.09 9.20
CA GLY A 128 20.00 9.48 9.13
C GLY A 128 19.00 10.58 8.82
N TRP A 129 17.75 10.22 8.56
CA TRP A 129 16.75 11.24 8.28
C TRP A 129 16.50 12.10 9.49
N GLU A 130 16.44 13.40 9.25
CA GLU A 130 16.25 14.36 10.30
C GLU A 130 14.78 14.57 10.47
N GLY A 131 14.28 14.29 11.66
CA GLY A 131 12.91 14.62 12.00
C GLY A 131 11.93 13.54 11.65
N ASN A 132 10.67 13.86 11.93
CA ASN A 132 9.66 12.80 11.68
CA ASN A 132 9.49 13.04 11.87
C ASN A 132 8.70 13.14 10.57
N GLU A 133 9.09 14.10 9.72
CA GLU A 133 8.25 14.54 8.62
C GLU A 133 8.89 14.31 7.26
N VAL A 134 8.06 13.99 6.28
CA VAL A 134 8.47 14.01 4.88
C VAL A 134 7.47 14.86 4.14
N GLY A 135 7.94 15.70 3.23
CA GLY A 135 7.07 16.69 2.59
C GLY A 135 6.68 16.40 1.15
N SER A 136 7.54 15.68 0.44
CA SER A 136 7.25 15.29 -0.93
C SER A 136 8.08 14.08 -1.33
N PHE A 137 7.69 13.45 -2.42
CA PHE A 137 8.25 12.17 -2.83
C PHE A 137 8.37 12.15 -4.37
N HIS A 138 9.46 11.61 -4.90
CA HIS A 138 9.49 11.19 -6.31
C HIS A 138 9.79 9.72 -6.45
N VAL A 139 8.81 8.96 -6.95
CA VAL A 139 8.97 7.52 -7.18
C VAL A 139 9.59 7.34 -8.54
N HIS A 140 10.85 6.91 -8.59
CA HIS A 140 11.51 6.62 -9.86
C HIS A 140 11.03 5.31 -10.48
N SER A 141 10.82 4.33 -9.62
CA SER A 141 10.37 3.01 -10.01
CA SER A 141 10.36 3.01 -10.01
C SER A 141 9.82 2.26 -8.80
N GLY A 142 9.01 1.24 -9.09
CA GLY A 142 8.46 0.43 -8.05
C GLY A 142 7.24 1.05 -7.40
N ALA A 143 6.74 0.36 -6.39
CA ALA A 143 5.65 0.88 -5.56
C ALA A 143 6.16 0.84 -4.12
N TRP A 144 5.85 1.88 -3.36
CA TRP A 144 6.35 2.01 -1.98
C TRP A 144 5.18 2.26 -1.04
N VAL A 145 5.39 1.86 0.23
CA VAL A 145 4.42 2.13 1.24
C VAL A 145 5.11 2.83 2.42
N CYS A 146 4.57 3.97 2.79
CA CYS A 146 5.05 4.76 3.90
C CYS A 146 4.13 4.58 5.11
N SER A 147 4.73 4.57 6.28
CA SER A 147 4.05 4.46 7.55
C SER A 147 4.38 5.58 8.53
N GLN A 148 3.36 5.94 9.29
CA GLN A 148 3.45 6.97 10.31
C GLN A 148 4.51 6.72 11.38
N PHE A 149 4.62 5.46 11.82
CA PHE A 149 5.48 5.13 12.94
C PHE A 149 6.59 4.16 12.53
N PRO A 150 7.62 4.00 13.39
CA PRO A 150 8.67 3.05 13.01
C PRO A 150 8.11 1.63 12.90
N GLY A 151 8.78 0.78 12.14
CA GLY A 151 8.38 -0.64 12.08
C GLY A 151 7.08 -0.86 11.35
N TYR A 152 6.72 0.06 10.48
CA TYR A 152 5.62 -0.08 9.56
C TYR A 152 4.26 -0.13 10.25
N ARG A 153 4.09 0.79 11.20
CA ARG A 153 2.85 0.93 11.98
C ARG A 153 2.18 2.27 11.75
N GLY A 154 0.90 2.31 12.08
CA GLY A 154 0.10 3.51 11.92
C GLY A 154 -0.45 3.57 10.48
N PHE A 155 -0.89 4.74 10.11
CA PHE A 155 -1.51 4.92 8.77
CA PHE A 155 -1.51 5.00 8.80
C PHE A 155 -0.50 4.71 7.68
N GLN A 156 -0.94 4.00 6.62
CA GLN A 156 -0.07 3.64 5.48
C GLN A 156 -0.47 4.49 4.31
N TYR A 157 0.48 4.78 3.45
CA TYR A 157 0.08 5.17 2.16
CA TYR A 157 0.26 5.51 2.20
C TYR A 157 1.06 4.81 1.09
N VAL A 158 0.44 4.49 -0.03
CA VAL A 158 1.12 3.85 -1.12
C VAL A 158 1.46 4.88 -2.20
N LEU A 159 2.69 4.79 -2.68
CA LEU A 159 3.23 5.66 -3.70
C LEU A 159 3.58 4.85 -4.93
N GLU A 160 3.07 5.28 -6.09
CA GLU A 160 3.28 4.54 -7.34
C GLU A 160 4.10 5.35 -8.39
N CYS A 161 4.89 4.61 -9.15
CA CYS A 161 5.77 5.15 -10.17
C CYS A 161 4.98 5.85 -11.30
N ASP A 162 3.69 5.52 -11.43
CA ASP A 162 2.91 5.98 -12.57
C ASP A 162 1.85 7.00 -12.17
N HIS A 163 1.98 7.51 -10.94
CA HIS A 163 1.22 8.66 -10.49
C HIS A 163 1.95 9.95 -10.85
N HIS A 164 1.47 10.65 -11.89
CA HIS A 164 2.09 11.91 -12.31
C HIS A 164 3.59 11.66 -12.54
N SER A 165 3.89 10.57 -13.26
CA SER A 165 5.28 10.17 -13.54
C SER A 165 6.11 9.97 -12.27
N GLY A 166 5.43 9.58 -11.20
CA GLY A 166 6.06 9.32 -9.89
C GLY A 166 6.14 10.54 -8.97
N ASP A 167 5.65 11.69 -9.44
CA ASP A 167 5.72 12.95 -8.64
C ASP A 167 4.60 13.04 -7.61
N TYR A 168 4.97 13.26 -6.35
CA TYR A 168 4.01 13.57 -5.30
C TYR A 168 4.52 14.83 -4.62
N LYS A 169 4.19 15.99 -5.19
CA LYS A 169 4.76 17.27 -4.71
C LYS A 169 4.07 17.79 -3.46
N HIS A 170 2.88 17.26 -3.18
CA HIS A 170 2.05 17.70 -2.05
C HIS A 170 1.50 16.56 -1.25
N PHE A 171 1.28 16.80 0.03
CA PHE A 171 0.60 15.81 0.88
C PHE A 171 -0.86 15.62 0.40
N ARG A 172 -1.37 16.57 -0.39
CA ARG A 172 -2.67 16.46 -1.06
C ARG A 172 -2.65 15.37 -2.13
N GLU A 173 -1.50 15.23 -2.81
CA GLU A 173 -1.30 14.16 -3.78
C GLU A 173 -1.24 12.78 -3.10
N TRP A 174 -0.77 12.72 -1.85
CA TRP A 174 -0.86 11.46 -1.09
C TRP A 174 -1.83 11.56 0.07
N PRO A 179 -3.79 16.32 6.01
CA PRO A 179 -2.42 16.79 5.93
C PRO A 179 -1.64 16.52 7.23
N THR A 180 -1.24 15.26 7.44
CA THR A 180 -0.19 14.98 8.42
C THR A 180 1.02 14.45 7.68
N PHE A 181 2.16 15.03 8.03
CA PHE A 181 3.38 14.79 7.30
C PHE A 181 4.26 13.78 8.03
N GLN A 182 3.67 13.04 8.96
CA GLN A 182 4.48 12.17 9.81
C GLN A 182 4.77 10.86 9.10
N VAL A 183 6.05 10.57 8.87
CA VAL A 183 6.49 9.33 8.25
C VAL A 183 7.78 8.94 8.96
N GLN A 184 7.76 7.73 9.51
CA GLN A 184 8.94 7.17 10.18
C GLN A 184 9.47 5.86 9.63
N SER A 185 8.77 5.21 8.68
CA SER A 185 9.26 4.00 8.06
C SER A 185 8.71 3.96 6.65
N ILE A 186 9.52 3.40 5.77
CA ILE A 186 9.15 3.28 4.34
C ILE A 186 9.73 1.99 3.77
N ARG A 187 8.95 1.25 2.98
CA ARG A 187 9.46 0.05 2.33
C ARG A 187 8.90 -0.15 0.94
N ARG A 188 9.57 -1.04 0.22
CA ARG A 188 9.16 -1.44 -1.12
C ARG A 188 8.04 -2.46 -1.04
N ILE A 189 7.12 -2.38 -2.00
CA ILE A 189 6.07 -3.36 -2.08
C ILE A 189 6.58 -4.58 -2.86
N GLN A 190 6.23 -5.77 -2.38
CA GLN A 190 6.63 -7.05 -2.99
C GLN A 190 5.50 -7.61 -3.83
N GLN A 191 5.69 -7.58 -5.13
CA GLN A 191 4.72 -8.20 -6.04
C GLN A 191 4.83 -9.73 -5.99
#